data_1ZBO
#
_entry.id   1ZBO
#
_cell.length_a   70.015
_cell.length_b   101.380
_cell.length_c   122.223
_cell.angle_alpha   90.00
_cell.angle_beta   90.00
_cell.angle_gamma   90.00
#
_symmetry.space_group_name_H-M   'C 2 2 21'
#
loop_
_entity.id
_entity.type
_entity.pdbx_description
1 polymer 'hypothetical protein BPP1347'
2 water water
#
_entity_poly.entity_id   1
_entity_poly.type   'polypeptide(L)'
_entity_poly.pdbx_seq_one_letter_code
;MAEIPLFPLSNALFPAGVLRLRVFEIRYLD(MSE)VRRCIADGSEFGVVVLEQGTEVRRPDGREVLARAGT(MSE)ARID
HWEAP(MSE)PALLELACTGTGRFRLHACTQGKYGLWTGQAEPVPDDAPLEVPPELARSASALGRLIARLQREGVPPHI
(MSE)P(MSE)AAPFRLDDCGWVADRWAE(MSE)LSLPPADKARLLLLPPLDRLREIDAVLAADGHALEHHHHHH
;
_entity_poly.pdbx_strand_id   A,B
#
# COMPACT_ATOMS: atom_id res chain seq x y z
N ALA A 2 -9.78 3.42 -28.66
CA ALA A 2 -9.14 2.32 -27.90
C ALA A 2 -7.70 2.68 -27.55
N GLU A 3 -7.06 3.50 -28.39
CA GLU A 3 -5.68 3.92 -28.16
C GLU A 3 -5.63 4.97 -27.05
N ILE A 4 -4.98 4.64 -25.94
CA ILE A 4 -4.87 5.57 -24.80
C ILE A 4 -3.48 5.55 -24.15
N PRO A 5 -3.14 6.61 -23.39
CA PRO A 5 -1.84 6.72 -22.72
C PRO A 5 -1.93 5.90 -21.45
N LEU A 6 -0.83 5.28 -21.05
CA LEU A 6 -0.85 4.45 -19.84
C LEU A 6 0.11 4.87 -18.77
N PHE A 7 -0.28 4.67 -17.53
CA PHE A 7 0.55 5.00 -16.40
C PHE A 7 0.67 3.73 -15.58
N PRO A 8 1.83 3.08 -15.66
CA PRO A 8 2.03 1.84 -14.91
C PRO A 8 2.32 2.09 -13.43
N LEU A 9 1.71 1.29 -12.58
CA LEU A 9 1.93 1.41 -11.15
C LEU A 9 2.16 0.03 -10.58
N SER A 10 2.73 0.02 -9.37
CA SER A 10 3.04 -1.19 -8.62
C SER A 10 1.76 -1.80 -8.07
N ASN A 11 0.74 -0.98 -7.79
CA ASN A 11 -0.53 -1.53 -7.31
C ASN A 11 -1.62 -1.31 -8.37
N ALA A 12 -2.48 -2.30 -8.56
CA ALA A 12 -3.56 -2.17 -9.53
C ALA A 12 -4.58 -1.16 -9.02
N LEU A 13 -5.26 -0.46 -9.93
CA LEU A 13 -6.26 0.52 -9.56
C LEU A 13 -7.67 0.01 -9.95
N PHE A 14 -8.58 -0.05 -8.99
CA PHE A 14 -9.95 -0.52 -9.21
C PHE A 14 -11.02 0.60 -9.21
N PRO A 15 -12.15 0.36 -9.88
CA PRO A 15 -13.20 1.39 -9.89
C PRO A 15 -13.52 1.80 -8.45
N ALA A 16 -13.62 3.11 -8.25
CA ALA A 16 -13.91 3.70 -6.94
C ALA A 16 -12.70 3.62 -6.01
N GLY A 17 -11.57 3.15 -6.54
CA GLY A 17 -10.37 3.05 -5.74
C GLY A 17 -9.72 4.41 -5.61
N VAL A 18 -9.18 4.72 -4.44
CA VAL A 18 -8.53 6.00 -4.22
C VAL A 18 -7.06 5.90 -4.60
N LEU A 19 -6.54 6.95 -5.22
CA LEU A 19 -5.15 6.92 -5.63
C LEU A 19 -4.46 8.28 -5.47
N ARG A 20 -3.36 8.31 -4.73
CA ARG A 20 -2.58 9.53 -4.52
C ARG A 20 -1.29 9.33 -5.29
N LEU A 21 -1.21 9.92 -6.46
CA LEU A 21 -0.04 9.74 -7.30
C LEU A 21 0.93 10.91 -7.32
N ARG A 22 2.20 10.59 -7.11
CA ARG A 22 3.26 11.59 -7.17
C ARG A 22 4.00 11.30 -8.47
N VAL A 23 4.13 12.31 -9.32
CA VAL A 23 4.82 12.08 -10.59
C VAL A 23 6.21 12.70 -10.60
N PHE A 24 7.21 11.83 -10.69
CA PHE A 24 8.58 12.28 -10.67
C PHE A 24 9.19 12.46 -12.05
N GLU A 25 9.24 11.39 -12.81
CA GLU A 25 9.82 11.46 -14.13
C GLU A 25 9.05 12.44 -14.99
N ILE A 26 9.76 13.32 -15.64
CA ILE A 26 9.13 14.33 -16.47
C ILE A 26 8.53 13.69 -17.72
N ARG A 27 8.84 12.42 -17.95
CA ARG A 27 8.31 11.73 -19.13
C ARG A 27 6.78 11.65 -19.06
N TYR A 28 6.26 11.74 -17.84
CA TYR A 28 4.82 11.66 -17.63
C TYR A 28 4.13 13.03 -17.60
N LEU A 29 4.89 14.08 -17.32
CA LEU A 29 4.34 15.44 -17.25
C LEU A 29 3.41 15.77 -18.41
N ASP A 30 3.85 15.44 -19.63
CA ASP A 30 3.06 15.74 -20.82
C ASP A 30 1.71 15.00 -20.76
N MSE A 31 1.68 13.84 -20.12
CA MSE A 31 0.46 13.06 -20.02
C MSE A 31 -0.49 13.67 -18.98
O MSE A 31 -1.66 13.96 -19.27
CB MSE A 31 0.82 11.62 -19.63
CG MSE A 31 -0.34 10.63 -19.60
SE MSE A 31 0.15 8.91 -18.84
CE MSE A 31 1.04 8.07 -20.35
N VAL A 32 0.02 13.91 -17.78
CA VAL A 32 -0.78 14.49 -16.71
C VAL A 32 -1.25 15.90 -17.05
N ARG A 33 -0.39 16.67 -17.70
CA ARG A 33 -0.75 18.03 -18.09
C ARG A 33 -1.91 18.03 -19.07
N ARG A 34 -1.80 17.22 -20.11
CA ARG A 34 -2.87 17.15 -21.09
C ARG A 34 -4.15 16.71 -20.40
N CYS A 35 -4.06 15.73 -19.51
CA CYS A 35 -5.24 15.25 -18.80
C CYS A 35 -5.85 16.36 -17.96
N ILE A 36 -5.01 17.12 -17.29
CA ILE A 36 -5.48 18.20 -16.44
C ILE A 36 -6.17 19.26 -17.28
N ALA A 37 -5.58 19.55 -18.43
CA ALA A 37 -6.10 20.55 -19.35
C ALA A 37 -7.54 20.32 -19.83
N ASP A 38 -7.75 19.24 -20.58
CA ASP A 38 -9.06 18.98 -21.13
C ASP A 38 -9.87 17.96 -20.35
N GLY A 39 -9.60 17.86 -19.05
CA GLY A 39 -10.32 16.93 -18.19
C GLY A 39 -10.41 15.48 -18.63
N SER A 40 -9.43 15.01 -19.39
CA SER A 40 -9.47 13.63 -19.83
C SER A 40 -8.98 12.69 -18.73
N GLU A 41 -8.91 11.41 -19.07
CA GLU A 41 -8.49 10.37 -18.14
C GLU A 41 -7.30 9.62 -18.69
N PHE A 42 -6.61 8.89 -17.83
CA PHE A 42 -5.48 8.09 -18.31
C PHE A 42 -5.64 6.69 -17.75
N GLY A 43 -5.08 5.71 -18.44
CA GLY A 43 -5.20 4.34 -17.99
C GLY A 43 -4.15 3.95 -16.97
N VAL A 44 -4.57 3.21 -15.96
CA VAL A 44 -3.67 2.76 -14.91
C VAL A 44 -3.61 1.26 -14.90
N VAL A 45 -2.48 0.68 -15.28
CA VAL A 45 -2.39 -0.77 -15.24
C VAL A 45 -1.28 -1.18 -14.27
N VAL A 46 -1.45 -2.32 -13.61
CA VAL A 46 -0.46 -2.78 -12.66
C VAL A 46 0.68 -3.49 -13.37
N LEU A 47 1.89 -3.28 -12.88
CA LEU A 47 3.09 -3.89 -13.45
C LEU A 47 3.34 -5.34 -13.03
N GLU A 48 3.50 -6.22 -14.01
CA GLU A 48 3.79 -7.62 -13.73
C GLU A 48 5.29 -7.79 -13.48
N GLN A 49 6.12 -7.29 -14.37
CA GLN A 49 7.54 -7.49 -14.17
C GLN A 49 8.35 -6.22 -14.39
N GLY A 50 8.13 -5.21 -13.57
CA GLY A 50 8.89 -3.98 -13.73
C GLY A 50 8.83 -3.04 -12.54
N THR A 51 9.58 -1.95 -12.60
CA THR A 51 9.60 -0.99 -11.52
C THR A 51 8.77 0.24 -11.88
N GLU A 52 8.07 0.79 -10.90
CA GLU A 52 7.22 1.95 -11.13
C GLU A 52 8.02 3.09 -11.72
N VAL A 53 9.25 3.27 -11.22
CA VAL A 53 10.12 4.33 -11.71
C VAL A 53 10.67 3.95 -13.09
N ARG A 54 11.96 3.61 -13.19
CA ARG A 54 12.51 3.27 -14.49
C ARG A 54 13.92 2.67 -14.42
N ARG A 55 13.99 1.34 -14.45
CA ARG A 55 15.26 0.63 -14.39
C ARG A 55 15.99 0.68 -15.74
N PRO A 56 17.31 0.88 -15.72
CA PRO A 56 18.09 0.94 -16.96
C PRO A 56 18.55 -0.46 -17.41
N ASP A 57 18.40 -1.44 -16.54
CA ASP A 57 18.80 -2.81 -16.84
C ASP A 57 17.59 -3.72 -17.03
N GLY A 58 16.40 -3.18 -16.75
CA GLY A 58 15.21 -4.00 -16.89
C GLY A 58 14.09 -3.40 -17.73
N ARG A 59 13.15 -4.26 -18.12
CA ARG A 59 12.01 -3.82 -18.90
C ARG A 59 10.73 -4.09 -18.14
N GLU A 60 9.72 -3.28 -18.40
CA GLU A 60 8.44 -3.42 -17.72
C GLU A 60 7.44 -4.23 -18.52
N VAL A 61 6.63 -5.01 -17.81
CA VAL A 61 5.59 -5.81 -18.45
C VAL A 61 4.26 -5.43 -17.83
N LEU A 62 3.32 -4.96 -18.64
CA LEU A 62 2.02 -4.58 -18.11
C LEU A 62 1.06 -5.76 -17.99
N ALA A 63 0.05 -5.62 -17.13
CA ALA A 63 -0.99 -6.64 -16.91
C ALA A 63 -1.98 -6.59 -18.06
N ARG A 64 -2.88 -7.59 -18.13
CA ARG A 64 -3.88 -7.70 -19.19
C ARG A 64 -5.06 -6.72 -19.13
N ALA A 65 -5.13 -5.93 -18.06
CA ALA A 65 -6.22 -4.99 -17.85
C ALA A 65 -5.93 -3.94 -16.80
N GLY A 66 -6.77 -2.92 -16.78
CA GLY A 66 -6.60 -1.84 -15.84
C GLY A 66 -7.85 -1.02 -15.75
N THR A 67 -7.71 0.13 -15.10
CA THR A 67 -8.81 1.02 -14.89
C THR A 67 -8.46 2.46 -15.17
N MSE A 68 -9.39 3.17 -15.79
CA MSE A 68 -9.16 4.56 -16.10
C MSE A 68 -9.08 5.35 -14.77
O MSE A 68 -9.77 5.05 -13.79
CB MSE A 68 -10.31 5.13 -16.94
CG MSE A 68 -10.48 4.54 -18.32
SE MSE A 68 -8.77 4.60 -19.25
CE MSE A 68 -8.84 6.52 -19.96
N ALA A 69 -8.25 6.38 -14.76
CA ALA A 69 -8.11 7.22 -13.58
C ALA A 69 -8.63 8.62 -13.89
N ARG A 70 -9.32 9.24 -12.93
CA ARG A 70 -9.86 10.60 -13.08
C ARG A 70 -9.18 11.47 -12.02
N ILE A 71 -8.64 12.61 -12.44
CA ILE A 71 -7.95 13.53 -11.52
C ILE A 71 -8.92 14.41 -10.72
N ASP A 72 -9.15 14.04 -9.45
CA ASP A 72 -10.04 14.79 -8.59
C ASP A 72 -9.50 16.19 -8.39
N HIS A 73 -8.18 16.32 -8.47
CA HIS A 73 -7.51 17.60 -8.33
C HIS A 73 -6.03 17.43 -8.01
N TRP A 74 -5.21 18.24 -8.67
CA TRP A 74 -3.78 18.19 -8.49
C TRP A 74 -3.29 19.23 -7.49
N GLU A 75 -2.04 19.10 -7.07
CA GLU A 75 -1.44 20.03 -6.15
C GLU A 75 0.07 20.04 -6.36
N ALA A 76 0.73 21.01 -5.74
CA ALA A 76 2.18 21.16 -5.82
C ALA A 76 2.66 21.85 -4.55
N PRO A 77 2.51 21.18 -3.41
CA PRO A 77 2.93 21.72 -2.11
C PRO A 77 4.43 21.97 -2.15
N MSE A 78 5.16 20.96 -2.61
CA MSE A 78 6.58 21.07 -2.72
C MSE A 78 6.93 21.61 -4.09
O MSE A 78 6.36 21.19 -5.09
CB MSE A 78 7.21 19.71 -2.52
CG MSE A 78 8.70 19.73 -2.43
SE MSE A 78 9.24 17.96 -2.02
CE MSE A 78 10.47 17.68 -3.49
N PRO A 79 7.88 22.56 -4.16
CA PRO A 79 8.29 23.15 -5.43
C PRO A 79 8.50 22.15 -6.58
N ALA A 80 7.71 22.33 -7.64
CA ALA A 80 7.77 21.50 -8.85
C ALA A 80 7.33 20.05 -8.72
N LEU A 81 6.89 19.67 -7.53
CA LEU A 81 6.45 18.30 -7.32
C LEU A 81 4.96 18.20 -7.63
N LEU A 82 4.59 17.37 -8.59
CA LEU A 82 3.20 17.23 -8.96
C LEU A 82 2.55 16.08 -8.19
N GLU A 83 1.63 16.42 -7.28
CA GLU A 83 0.94 15.42 -6.45
C GLU A 83 -0.57 15.45 -6.72
N LEU A 84 -1.14 14.34 -7.19
CA LEU A 84 -2.57 14.35 -7.47
C LEU A 84 -3.43 13.18 -6.96
N ALA A 85 -4.64 13.53 -6.54
CA ALA A 85 -5.62 12.59 -6.04
C ALA A 85 -6.49 12.19 -7.20
N CYS A 86 -6.64 10.87 -7.35
CA CYS A 86 -7.40 10.32 -8.45
C CYS A 86 -8.42 9.29 -7.97
N THR A 87 -9.30 8.90 -8.89
CA THR A 87 -10.34 7.90 -8.61
C THR A 87 -10.48 6.94 -9.79
N GLY A 88 -10.54 5.64 -9.51
CA GLY A 88 -10.70 4.70 -10.59
C GLY A 88 -12.11 4.75 -11.17
N THR A 89 -12.25 4.94 -12.47
CA THR A 89 -13.58 5.00 -13.07
C THR A 89 -13.88 3.75 -13.90
N GLY A 90 -13.95 3.84 -15.22
CA GLY A 90 -14.25 2.67 -16.04
C GLY A 90 -13.09 1.70 -16.23
N ARG A 91 -13.41 0.39 -16.28
CA ARG A 91 -12.42 -0.65 -16.48
C ARG A 91 -12.21 -0.86 -17.97
N PHE A 92 -11.05 -1.38 -18.33
CA PHE A 92 -10.76 -1.67 -19.74
C PHE A 92 -9.92 -2.93 -19.81
N ARG A 93 -10.04 -3.61 -20.94
CA ARG A 93 -9.30 -4.83 -21.20
C ARG A 93 -8.20 -4.37 -22.14
N LEU A 94 -6.95 -4.62 -21.77
CA LEU A 94 -5.82 -4.17 -22.57
C LEU A 94 -5.39 -5.24 -23.59
N HIS A 95 -5.77 -5.05 -24.84
CA HIS A 95 -5.44 -6.02 -25.89
C HIS A 95 -3.96 -6.03 -26.23
N ALA A 96 -3.41 -4.85 -26.45
CA ALA A 96 -2.01 -4.70 -26.80
C ALA A 96 -1.51 -3.36 -26.31
N CYS A 97 -0.24 -3.32 -25.96
CA CYS A 97 0.36 -2.07 -25.51
C CYS A 97 1.67 -1.86 -26.27
N THR A 98 2.07 -0.61 -26.41
CA THR A 98 3.28 -0.26 -27.14
C THR A 98 4.11 0.68 -26.29
N GLN A 99 5.40 0.38 -26.18
CA GLN A 99 6.31 1.21 -25.40
C GLN A 99 7.15 2.01 -26.41
N GLY A 100 6.88 3.31 -26.52
CA GLY A 100 7.61 4.15 -27.45
C GLY A 100 8.77 4.93 -26.86
N LYS A 101 9.03 6.12 -27.39
CA LYS A 101 10.12 6.94 -26.90
C LYS A 101 9.94 7.30 -25.42
N TYR A 102 11.07 7.65 -24.79
CA TYR A 102 11.14 8.01 -23.38
C TYR A 102 10.59 6.94 -22.49
N GLY A 103 10.25 5.81 -23.09
CA GLY A 103 9.70 4.71 -22.32
C GLY A 103 8.21 4.83 -22.06
N LEU A 104 7.51 5.73 -22.74
CA LEU A 104 6.08 5.88 -22.50
C LEU A 104 5.24 4.74 -23.05
N TRP A 105 4.29 4.27 -22.24
CA TRP A 105 3.42 3.20 -22.68
C TRP A 105 2.11 3.73 -23.24
N THR A 106 1.58 2.99 -24.20
CA THR A 106 0.32 3.34 -24.85
C THR A 106 -0.30 2.03 -25.31
N GLY A 107 -1.58 1.80 -25.05
CA GLY A 107 -2.16 0.54 -25.50
C GLY A 107 -3.56 0.54 -26.08
N GLN A 108 -3.99 -0.60 -26.61
CA GLN A 108 -5.34 -0.70 -27.16
C GLN A 108 -6.25 -1.14 -26.02
N ALA A 109 -7.06 -0.20 -25.54
CA ALA A 109 -7.99 -0.44 -24.43
C ALA A 109 -9.44 -0.64 -24.87
N GLU A 110 -9.97 -1.83 -24.67
CA GLU A 110 -11.36 -2.05 -25.02
C GLU A 110 -12.16 -1.82 -23.72
N PRO A 111 -12.81 -0.66 -23.59
CA PRO A 111 -13.58 -0.35 -22.38
C PRO A 111 -14.67 -1.39 -22.09
N VAL A 112 -14.81 -1.76 -20.82
CA VAL A 112 -15.83 -2.73 -20.44
C VAL A 112 -16.83 -1.99 -19.56
N PRO A 113 -18.13 -2.14 -19.82
CA PRO A 113 -19.19 -1.49 -19.04
C PRO A 113 -19.10 -1.79 -17.56
N ASP A 114 -19.47 -0.83 -16.73
CA ASP A 114 -19.44 -1.02 -15.28
C ASP A 114 -20.51 -2.07 -14.94
N ASP A 115 -20.16 -3.11 -14.18
CA ASP A 115 -21.15 -4.14 -13.84
C ASP A 115 -22.29 -3.62 -12.99
N ALA A 116 -23.42 -4.30 -13.05
CA ALA A 116 -24.57 -3.90 -12.26
C ALA A 116 -24.33 -4.37 -10.83
N PRO A 117 -24.91 -3.67 -9.86
CA PRO A 117 -24.74 -4.02 -8.45
C PRO A 117 -25.69 -5.13 -8.01
N LEU A 118 -25.19 -6.08 -7.24
CA LEU A 118 -26.06 -7.14 -6.75
C LEU A 118 -25.78 -7.41 -5.29
N GLU A 119 -26.87 -7.66 -4.56
CA GLU A 119 -26.82 -7.94 -3.14
C GLU A 119 -25.82 -9.03 -2.83
N VAL A 120 -25.23 -8.98 -1.64
CA VAL A 120 -24.26 -9.98 -1.24
C VAL A 120 -24.96 -11.21 -0.64
N PRO A 121 -24.83 -12.36 -1.30
CA PRO A 121 -25.47 -13.59 -0.80
C PRO A 121 -25.00 -13.93 0.61
N PRO A 122 -25.85 -14.63 1.38
CA PRO A 122 -25.58 -15.05 2.78
C PRO A 122 -24.27 -15.75 3.07
N GLU A 123 -23.77 -16.56 2.14
CA GLU A 123 -22.49 -17.25 2.37
C GLU A 123 -21.32 -16.28 2.21
N LEU A 124 -21.45 -15.33 1.30
CA LEU A 124 -20.40 -14.35 1.08
C LEU A 124 -20.56 -13.16 2.00
N ALA A 125 -21.39 -13.31 3.02
CA ALA A 125 -21.63 -12.22 3.96
C ALA A 125 -20.41 -11.97 4.82
N ARG A 126 -19.66 -13.03 5.08
CA ARG A 126 -18.45 -12.95 5.87
C ARG A 126 -17.56 -11.84 5.34
N SER A 127 -17.25 -11.90 4.05
CA SER A 127 -16.39 -10.89 3.44
C SER A 127 -16.86 -9.44 3.57
N ALA A 128 -18.18 -9.23 3.57
CA ALA A 128 -18.75 -7.88 3.68
C ALA A 128 -18.70 -7.34 5.12
N SER A 129 -19.05 -8.18 6.08
CA SER A 129 -19.08 -7.78 7.48
C SER A 129 -17.67 -7.48 7.98
N ALA A 130 -16.72 -8.30 7.57
CA ALA A 130 -15.32 -8.09 7.93
C ALA A 130 -14.88 -6.72 7.37
N LEU A 131 -15.20 -6.43 6.10
CA LEU A 131 -14.83 -5.12 5.50
C LEU A 131 -15.56 -4.02 6.26
N GLY A 132 -16.85 -4.22 6.41
CA GLY A 132 -17.68 -3.25 7.12
C GLY A 132 -17.05 -2.84 8.43
N ARG A 133 -16.50 -3.82 9.15
CA ARG A 133 -15.83 -3.55 10.41
C ARG A 133 -14.56 -2.75 10.21
N LEU A 134 -13.80 -3.05 9.18
CA LEU A 134 -12.58 -2.28 8.96
C LEU A 134 -12.99 -0.83 8.81
N ILE A 135 -13.97 -0.60 7.94
CA ILE A 135 -14.49 0.74 7.68
C ILE A 135 -15.01 1.44 8.93
N ALA A 136 -15.81 0.73 9.71
CA ALA A 136 -16.36 1.32 10.93
C ALA A 136 -15.22 1.57 11.91
N ARG A 137 -14.14 0.79 11.79
CA ARG A 137 -13.00 0.95 12.69
C ARG A 137 -12.30 2.27 12.39
N LEU A 138 -12.08 2.53 11.11
CA LEU A 138 -11.42 3.76 10.68
C LEU A 138 -12.23 4.98 11.04
N GLN A 139 -13.55 4.83 11.11
CA GLN A 139 -14.40 5.95 11.43
C GLN A 139 -14.42 6.20 12.93
N ARG A 140 -14.46 5.14 13.72
CA ARG A 140 -14.49 5.27 15.17
C ARG A 140 -13.26 5.99 15.67
N GLU A 141 -12.14 5.82 14.98
CA GLU A 141 -10.89 6.46 15.34
C GLU A 141 -10.85 7.85 14.70
N GLY A 142 -11.82 8.13 13.85
CA GLY A 142 -11.88 9.42 13.20
C GLY A 142 -10.71 9.72 12.30
N VAL A 143 -10.26 8.70 11.58
CA VAL A 143 -9.14 8.86 10.67
C VAL A 143 -9.51 9.86 9.57
N PRO A 144 -8.64 10.84 9.30
CA PRO A 144 -8.87 11.86 8.27
C PRO A 144 -9.16 11.22 6.92
N PRO A 145 -9.98 11.89 6.09
CA PRO A 145 -10.34 11.40 4.76
C PRO A 145 -9.14 11.23 3.82
N HIS A 146 -8.26 12.22 3.81
CA HIS A 146 -7.07 12.20 2.96
C HIS A 146 -6.05 11.15 3.42
N ILE A 147 -6.42 10.38 4.44
CA ILE A 147 -5.56 9.34 4.99
C ILE A 147 -6.14 7.95 4.74
N MSE A 148 -7.47 7.90 4.66
CA MSE A 148 -8.16 6.64 4.44
C MSE A 148 -7.90 6.10 3.03
O MSE A 148 -7.95 6.85 2.06
CB MSE A 148 -9.64 6.81 4.65
CG MSE A 148 -10.01 7.31 6.01
SE MSE A 148 -11.77 6.81 6.45
CE MSE A 148 -12.70 8.28 5.58
N PRO A 149 -7.64 4.79 2.93
CA PRO A 149 -7.39 4.11 1.66
C PRO A 149 -8.61 3.92 0.75
N MSE A 150 -9.81 4.09 1.30
CA MSE A 150 -11.03 3.97 0.50
C MSE A 150 -11.88 5.23 0.57
O MSE A 150 -11.83 5.95 1.55
CB MSE A 150 -11.89 2.79 0.94
CG MSE A 150 -12.35 2.86 2.37
SE MSE A 150 -11.37 1.59 3.38
CE MSE A 150 -12.28 0.01 2.74
N ALA A 151 -12.68 5.44 -0.47
CA ALA A 151 -13.54 6.61 -0.58
C ALA A 151 -14.89 6.47 0.11
N ALA A 152 -15.48 7.61 0.45
CA ALA A 152 -16.74 7.71 1.15
C ALA A 152 -17.84 6.72 0.80
N PRO A 153 -18.34 6.74 -0.44
CA PRO A 153 -19.41 5.80 -0.77
C PRO A 153 -19.08 4.34 -0.36
N PHE A 154 -19.57 3.92 0.80
CA PHE A 154 -19.33 2.55 1.31
C PHE A 154 -20.46 1.57 0.97
N ARG A 155 -20.32 0.92 -0.17
CA ARG A 155 -21.32 -0.03 -0.67
C ARG A 155 -21.20 -1.47 -0.14
N LEU A 156 -21.44 -1.64 1.15
CA LEU A 156 -21.32 -2.97 1.76
C LEU A 156 -22.32 -4.04 1.33
N ASP A 157 -23.18 -3.72 0.38
CA ASP A 157 -24.15 -4.71 -0.09
C ASP A 157 -24.06 -4.82 -1.60
N ASP A 158 -22.85 -4.57 -2.10
CA ASP A 158 -22.56 -4.59 -3.52
C ASP A 158 -21.31 -5.44 -3.75
N CYS A 159 -21.55 -6.68 -4.19
CA CYS A 159 -20.50 -7.65 -4.47
C CYS A 159 -19.27 -7.02 -5.15
N GLY A 160 -19.48 -6.35 -6.28
CA GLY A 160 -18.38 -5.69 -6.97
C GLY A 160 -17.60 -4.74 -6.06
N TRP A 161 -18.31 -3.90 -5.33
CA TRP A 161 -17.65 -2.96 -4.44
C TRP A 161 -16.86 -3.72 -3.37
N VAL A 162 -17.53 -4.61 -2.64
CA VAL A 162 -16.88 -5.39 -1.59
C VAL A 162 -15.62 -6.08 -2.15
N ALA A 163 -15.80 -6.91 -3.16
CA ALA A 163 -14.67 -7.61 -3.77
C ALA A 163 -13.50 -6.69 -4.18
N ASP A 164 -13.81 -5.56 -4.83
CA ASP A 164 -12.80 -4.60 -5.30
C ASP A 164 -11.95 -4.03 -4.16
N ARG A 165 -12.62 -3.66 -3.08
CA ARG A 165 -11.93 -3.13 -1.93
C ARG A 165 -10.93 -4.20 -1.47
N TRP A 166 -11.41 -5.41 -1.17
CA TRP A 166 -10.48 -6.44 -0.72
C TRP A 166 -9.35 -6.67 -1.73
N ALA A 167 -9.68 -6.72 -3.00
CA ALA A 167 -8.66 -6.94 -4.03
C ALA A 167 -7.51 -5.92 -4.06
N GLU A 168 -7.81 -4.65 -3.79
CA GLU A 168 -6.77 -3.61 -3.80
C GLU A 168 -5.93 -3.57 -2.53
N MSE A 169 -6.52 -4.08 -1.45
CA MSE A 169 -5.87 -4.11 -0.14
C MSE A 169 -4.98 -5.33 0.08
O MSE A 169 -3.86 -5.21 0.60
CB MSE A 169 -6.94 -4.09 0.96
CG MSE A 169 -6.41 -4.19 2.39
SE MSE A 169 -7.83 -4.45 3.70
CE MSE A 169 -9.02 -3.06 3.15
N LEU A 170 -5.47 -6.49 -0.33
CA LEU A 170 -4.73 -7.74 -0.16
C LEU A 170 -3.50 -7.84 -1.05
N SER A 171 -2.46 -8.48 -0.52
CA SER A 171 -1.21 -8.68 -1.25
C SER A 171 -1.32 -9.86 -2.21
N LEU A 172 -1.76 -9.60 -3.43
CA LEU A 172 -1.92 -10.62 -4.44
C LEU A 172 -1.05 -10.26 -5.65
N PRO A 173 -0.64 -11.27 -6.44
CA PRO A 173 0.20 -11.02 -7.61
C PRO A 173 -0.53 -10.09 -8.56
N PRO A 174 0.19 -9.15 -9.14
CA PRO A 174 -0.46 -8.21 -10.07
C PRO A 174 -1.31 -8.87 -11.13
N ALA A 175 -0.87 -10.00 -11.68
CA ALA A 175 -1.67 -10.63 -12.73
C ALA A 175 -3.03 -11.12 -12.23
N ASP A 176 -3.15 -11.41 -10.94
CA ASP A 176 -4.40 -11.88 -10.36
C ASP A 176 -5.36 -10.70 -10.17
N LYS A 177 -4.83 -9.58 -9.70
CA LYS A 177 -5.63 -8.41 -9.50
C LYS A 177 -6.24 -8.08 -10.84
N ALA A 178 -5.40 -8.04 -11.88
CA ALA A 178 -5.87 -7.75 -13.22
C ALA A 178 -7.03 -8.68 -13.62
N ARG A 179 -6.86 -9.99 -13.38
CA ARG A 179 -7.90 -10.96 -13.70
C ARG A 179 -9.18 -10.67 -12.87
N LEU A 180 -9.04 -10.57 -11.54
CA LEU A 180 -10.20 -10.29 -10.70
C LEU A 180 -10.90 -9.01 -11.16
N LEU A 181 -10.11 -8.03 -11.62
CA LEU A 181 -10.68 -6.76 -12.05
C LEU A 181 -11.73 -6.98 -13.13
N LEU A 182 -11.38 -7.78 -14.14
CA LEU A 182 -12.30 -8.01 -15.22
C LEU A 182 -13.35 -9.07 -14.90
N LEU A 183 -13.15 -9.80 -13.81
CA LEU A 183 -14.06 -10.86 -13.39
C LEU A 183 -15.42 -10.30 -12.97
N PRO A 184 -16.52 -11.02 -13.29
CA PRO A 184 -17.87 -10.58 -12.92
C PRO A 184 -18.02 -10.52 -11.40
N PRO A 185 -18.75 -9.52 -10.90
CA PRO A 185 -19.00 -9.27 -9.47
C PRO A 185 -19.17 -10.47 -8.55
N LEU A 186 -20.04 -11.39 -8.93
CA LEU A 186 -20.29 -12.57 -8.10
C LEU A 186 -19.02 -13.37 -7.92
N ASP A 187 -18.43 -13.76 -9.05
CA ASP A 187 -17.20 -14.54 -9.05
C ASP A 187 -16.05 -13.83 -8.32
N ARG A 188 -15.98 -12.50 -8.47
CA ARG A 188 -14.95 -11.71 -7.80
C ARG A 188 -15.02 -11.90 -6.31
N LEU A 189 -16.22 -11.70 -5.76
CA LEU A 189 -16.37 -11.83 -4.32
C LEU A 189 -16.08 -13.27 -3.87
N ARG A 190 -16.69 -14.25 -4.54
CA ARG A 190 -16.49 -15.66 -4.18
C ARG A 190 -15.01 -15.96 -4.07
N GLU A 191 -14.28 -15.54 -5.09
CA GLU A 191 -12.84 -15.75 -5.15
C GLU A 191 -12.07 -15.07 -4.02
N ILE A 192 -12.38 -13.81 -3.69
CA ILE A 192 -11.65 -13.13 -2.61
C ILE A 192 -12.07 -13.70 -1.26
N ASP A 193 -13.28 -14.25 -1.22
CA ASP A 193 -13.81 -14.86 -0.02
C ASP A 193 -13.02 -16.15 0.24
N ALA A 194 -12.70 -16.88 -0.83
CA ALA A 194 -11.96 -18.13 -0.71
C ALA A 194 -10.57 -17.91 -0.14
N VAL A 195 -9.99 -16.77 -0.47
CA VAL A 195 -8.66 -16.44 0.02
C VAL A 195 -8.70 -16.07 1.49
N LEU A 196 -9.80 -15.46 1.92
CA LEU A 196 -9.98 -15.03 3.30
C LEU A 196 -10.26 -16.16 4.29
N ALA A 197 -10.75 -17.28 3.77
CA ALA A 197 -11.05 -18.46 4.59
C ALA A 197 -9.91 -19.46 4.45
N ALA A 198 -9.85 -20.11 3.30
CA ALA A 198 -8.83 -21.11 2.99
C ALA A 198 -7.45 -20.45 2.88
N ALA B 2 16.95 7.98 23.27
CA ALA B 2 17.95 7.79 22.16
C ALA B 2 17.57 8.66 20.98
N GLU B 3 18.08 9.89 20.95
CA GLU B 3 17.77 10.80 19.85
C GLU B 3 18.15 10.21 18.49
N ILE B 4 17.14 9.84 17.71
CA ILE B 4 17.37 9.28 16.38
C ILE B 4 16.47 9.95 15.36
N PRO B 5 16.90 9.99 14.09
CA PRO B 5 16.10 10.62 13.04
C PRO B 5 14.77 9.90 12.82
N LEU B 6 13.73 10.65 12.46
CA LEU B 6 12.43 10.05 12.22
C LEU B 6 11.87 10.29 10.83
N PHE B 7 11.36 9.21 10.23
CA PHE B 7 10.76 9.30 8.91
C PHE B 7 9.31 8.86 9.07
N PRO B 8 8.41 9.82 9.36
CA PRO B 8 7.00 9.44 9.52
C PRO B 8 6.46 9.00 8.15
N LEU B 9 5.56 8.02 8.13
CA LEU B 9 4.96 7.57 6.86
C LEU B 9 3.45 7.33 6.99
N SER B 10 2.77 7.24 5.86
CA SER B 10 1.32 7.02 5.83
C SER B 10 0.91 5.63 6.32
N ASN B 11 1.88 4.71 6.38
CA ASN B 11 1.69 3.34 6.86
C ASN B 11 2.77 3.01 7.90
N ALA B 12 2.45 2.14 8.85
CA ALA B 12 3.41 1.75 9.88
C ALA B 12 4.33 0.60 9.45
N LEU B 13 5.55 0.62 9.97
CA LEU B 13 6.56 -0.40 9.67
C LEU B 13 6.67 -1.39 10.82
N PHE B 14 6.71 -2.69 10.49
CA PHE B 14 6.80 -3.72 11.51
C PHE B 14 8.08 -4.52 11.33
N PRO B 15 8.59 -5.12 12.41
CA PRO B 15 9.82 -5.94 12.36
C PRO B 15 9.78 -6.95 11.23
N ALA B 16 10.89 -7.02 10.49
CA ALA B 16 11.07 -7.92 9.34
C ALA B 16 10.19 -7.49 8.16
N GLY B 17 9.48 -6.37 8.33
CA GLY B 17 8.63 -5.90 7.27
C GLY B 17 9.37 -5.33 6.08
N VAL B 18 8.82 -5.50 4.89
CA VAL B 18 9.44 -4.98 3.69
C VAL B 18 8.95 -3.54 3.49
N LEU B 19 9.81 -2.68 2.97
CA LEU B 19 9.46 -1.27 2.74
C LEU B 19 10.36 -0.62 1.69
N ARG B 20 9.79 -0.34 0.52
CA ARG B 20 10.52 0.30 -0.57
C ARG B 20 10.24 1.79 -0.53
N LEU B 21 11.22 2.57 -0.12
CA LEU B 21 11.03 4.00 -0.02
C LEU B 21 11.46 4.75 -1.27
N ARG B 22 10.97 5.96 -1.40
CA ARG B 22 11.32 6.80 -2.52
C ARG B 22 11.39 8.22 -1.98
N VAL B 23 12.60 8.63 -1.58
CA VAL B 23 12.83 9.96 -1.00
C VAL B 23 13.08 11.07 -2.03
N PHE B 24 12.49 12.23 -1.81
CA PHE B 24 12.67 13.35 -2.73
C PHE B 24 12.74 14.65 -1.96
N GLU B 25 12.28 14.61 -0.71
CA GLU B 25 12.31 15.78 0.16
C GLU B 25 13.75 15.98 0.62
N ILE B 26 14.17 17.23 0.71
CA ILE B 26 15.52 17.55 1.14
C ILE B 26 15.82 17.01 2.52
N ARG B 27 14.87 17.15 3.44
CA ARG B 27 15.10 16.66 4.78
C ARG B 27 15.47 15.16 4.77
N TYR B 28 14.72 14.35 4.01
CA TYR B 28 15.02 12.94 3.96
C TYR B 28 16.18 12.61 3.00
N LEU B 29 16.43 13.47 2.02
CA LEU B 29 17.54 13.22 1.11
C LEU B 29 18.84 13.33 1.92
N ASP B 30 18.96 14.39 2.71
CA ASP B 30 20.16 14.57 3.52
C ASP B 30 20.23 13.50 4.60
N MSE B 31 19.09 13.22 5.22
CA MSE B 31 19.04 12.22 6.28
C MSE B 31 19.38 10.80 5.80
O MSE B 31 20.20 10.11 6.39
CB MSE B 31 17.67 12.28 6.95
CG MSE B 31 17.53 11.47 8.23
SE MSE B 31 16.91 9.68 7.88
CE MSE B 31 15.01 10.01 8.21
N VAL B 32 18.75 10.36 4.70
CA VAL B 32 19.01 9.03 4.16
C VAL B 32 20.47 8.87 3.72
N ARG B 33 21.05 9.91 3.12
CA ARG B 33 22.46 9.83 2.66
C ARG B 33 23.41 9.68 3.86
N ARG B 34 23.15 10.40 4.96
CA ARG B 34 23.96 10.30 6.16
C ARG B 34 23.99 8.84 6.56
N CYS B 35 22.80 8.26 6.76
CA CYS B 35 22.68 6.86 7.13
C CYS B 35 23.38 5.92 6.16
N ILE B 36 23.48 6.32 4.90
CA ILE B 36 24.12 5.49 3.89
C ILE B 36 25.63 5.39 4.10
N ALA B 37 26.24 6.54 4.39
CA ALA B 37 27.68 6.59 4.64
C ALA B 37 27.95 6.29 6.11
N ASP B 38 27.07 6.80 6.96
CA ASP B 38 27.14 6.62 8.41
C ASP B 38 27.04 5.13 8.75
N GLY B 39 26.01 4.49 8.19
CA GLY B 39 25.80 3.07 8.43
C GLY B 39 24.62 2.86 9.37
N SER B 40 24.29 3.90 10.13
CA SER B 40 23.19 3.84 11.08
C SER B 40 21.84 3.76 10.36
N GLU B 41 20.80 3.44 11.12
CA GLU B 41 19.45 3.32 10.58
C GLU B 41 18.52 4.38 11.18
N PHE B 42 17.43 4.68 10.49
CA PHE B 42 16.49 5.69 11.00
C PHE B 42 15.22 5.04 11.56
N GLY B 43 14.37 5.85 12.17
CA GLY B 43 13.14 5.32 12.74
C GLY B 43 11.91 5.62 11.91
N VAL B 44 11.03 4.64 11.81
CA VAL B 44 9.80 4.80 11.05
C VAL B 44 8.57 4.63 11.92
N VAL B 45 7.75 5.67 11.96
CA VAL B 45 6.51 5.66 12.73
C VAL B 45 5.42 6.16 11.83
N VAL B 46 4.26 5.51 11.92
CA VAL B 46 3.11 5.86 11.12
C VAL B 46 2.57 7.23 11.55
N LEU B 47 1.98 7.95 10.60
CA LEU B 47 1.40 9.26 10.84
C LEU B 47 -0.06 9.12 11.25
N GLU B 48 -0.32 9.39 12.52
CA GLU B 48 -1.65 9.31 13.07
C GLU B 48 -2.47 10.48 12.56
N GLN B 49 -1.80 11.41 11.89
CA GLN B 49 -2.43 12.58 11.30
C GLN B 49 -1.44 13.36 10.43
N GLY B 50 -1.95 14.05 9.42
CA GLY B 50 -1.09 14.81 8.52
C GLY B 50 -0.52 13.97 7.41
N THR B 51 0.09 14.62 6.43
CA THR B 51 0.70 13.91 5.30
C THR B 51 2.18 13.66 5.54
N GLU B 52 2.82 12.94 4.62
CA GLU B 52 4.23 12.65 4.75
C GLU B 52 5.15 13.64 4.02
N VAL B 53 4.58 14.55 3.24
CA VAL B 53 5.36 15.55 2.50
C VAL B 53 5.25 16.87 3.23
N ARG B 54 4.00 17.26 3.46
CA ARG B 54 3.63 18.50 4.15
C ARG B 54 4.49 19.73 3.98
N ARG B 55 4.63 20.23 2.76
CA ARG B 55 5.44 21.44 2.56
C ARG B 55 4.73 22.68 3.15
N PRO B 56 3.45 22.90 2.81
CA PRO B 56 2.71 24.05 3.35
C PRO B 56 1.91 23.65 4.59
N ASP B 57 1.69 22.35 4.72
CA ASP B 57 0.92 21.82 5.84
C ASP B 57 1.54 22.15 7.20
N GLY B 58 1.13 21.42 8.22
CA GLY B 58 1.67 21.65 9.55
C GLY B 58 1.20 20.66 10.60
N ARG B 59 -0.11 20.63 10.85
CA ARG B 59 -0.67 19.74 11.86
C ARG B 59 -0.51 18.25 11.56
N GLU B 60 0.61 17.69 12.01
CA GLU B 60 0.88 16.30 11.80
C GLU B 60 1.17 15.62 13.14
N VAL B 61 0.45 14.55 13.43
CA VAL B 61 0.60 13.81 14.67
C VAL B 61 1.36 12.52 14.47
N LEU B 62 2.50 12.38 15.15
CA LEU B 62 3.28 11.14 15.01
C LEU B 62 2.82 10.10 16.03
N ALA B 63 2.74 8.85 15.59
CA ALA B 63 2.32 7.75 16.45
C ALA B 63 3.31 7.66 17.62
N ARG B 64 2.89 7.05 18.73
CA ARG B 64 3.74 6.92 19.91
C ARG B 64 4.67 5.69 19.89
N ALA B 65 4.52 4.89 18.84
CA ALA B 65 5.32 3.68 18.66
C ALA B 65 5.83 3.55 17.23
N GLY B 66 6.92 2.82 17.05
CA GLY B 66 7.48 2.64 15.72
C GLY B 66 8.50 1.54 15.64
N THR B 67 8.97 1.26 14.44
CA THR B 67 9.99 0.25 14.20
C THR B 67 11.13 0.90 13.45
N MSE B 68 12.35 0.48 13.79
CA MSE B 68 13.55 1.01 13.17
C MSE B 68 13.67 0.45 11.75
O MSE B 68 13.31 -0.71 11.51
CB MSE B 68 14.78 0.60 13.99
CG MSE B 68 15.83 1.67 14.10
SE MSE B 68 15.10 3.16 15.08
CE MSE B 68 16.77 4.04 15.52
N ALA B 69 14.16 1.26 10.84
CA ALA B 69 14.29 0.85 9.45
C ALA B 69 15.74 0.69 9.02
N ARG B 70 16.07 -0.49 8.50
CA ARG B 70 17.42 -0.78 8.05
C ARG B 70 17.48 -0.72 6.54
N ILE B 71 18.44 0.04 6.01
CA ILE B 71 18.59 0.17 4.57
C ILE B 71 19.37 -0.99 3.99
N ASP B 72 18.75 -1.72 3.07
CA ASP B 72 19.38 -2.87 2.43
C ASP B 72 20.23 -2.40 1.25
N HIS B 73 19.59 -1.89 0.21
CA HIS B 73 20.30 -1.35 -0.94
C HIS B 73 19.59 -0.11 -1.46
N TRP B 74 20.33 0.74 -2.19
CA TRP B 74 19.78 1.98 -2.71
C TRP B 74 20.11 2.21 -4.18
N GLU B 75 19.43 3.18 -4.78
CA GLU B 75 19.65 3.51 -6.16
C GLU B 75 19.25 4.97 -6.38
N ALA B 76 19.77 5.56 -7.45
CA ALA B 76 19.48 6.93 -7.81
C ALA B 76 19.04 6.93 -9.28
N PRO B 77 17.74 6.67 -9.52
CA PRO B 77 17.23 6.64 -10.90
C PRO B 77 17.39 7.97 -11.63
N MSE B 78 17.25 9.07 -10.89
CA MSE B 78 17.41 10.38 -11.47
C MSE B 78 17.98 11.30 -10.40
O MSE B 78 18.13 10.90 -9.24
CB MSE B 78 16.06 10.90 -12.00
CG MSE B 78 15.00 11.12 -10.94
SE MSE B 78 13.20 11.32 -11.68
CE MSE B 78 13.47 12.87 -12.81
N PRO B 79 18.37 12.52 -10.77
CA PRO B 79 18.92 13.40 -9.76
C PRO B 79 17.85 13.82 -8.74
N ALA B 80 18.26 13.94 -7.48
CA ALA B 80 17.35 14.33 -6.40
C ALA B 80 16.28 13.29 -6.13
N LEU B 81 16.61 12.03 -6.38
CA LEU B 81 15.67 10.95 -6.15
C LEU B 81 16.39 9.68 -5.71
N LEU B 82 15.94 9.09 -4.62
CA LEU B 82 16.53 7.88 -4.08
C LEU B 82 15.46 6.81 -3.89
N GLU B 83 15.70 5.65 -4.49
CA GLU B 83 14.78 4.52 -4.37
C GLU B 83 15.44 3.55 -3.41
N LEU B 84 14.80 3.32 -2.26
CA LEU B 84 15.35 2.41 -1.25
C LEU B 84 14.53 1.14 -1.15
N ALA B 85 15.08 0.16 -0.44
CA ALA B 85 14.40 -1.12 -0.23
C ALA B 85 14.79 -1.59 1.17
N CYS B 86 14.27 -0.88 2.17
CA CYS B 86 14.55 -1.17 3.57
C CYS B 86 13.85 -2.38 4.17
N THR B 87 14.32 -2.79 5.35
CA THR B 87 13.76 -3.93 6.08
C THR B 87 13.48 -3.43 7.51
N GLY B 88 12.35 -3.83 8.08
CA GLY B 88 12.02 -3.42 9.43
C GLY B 88 12.93 -4.14 10.42
N THR B 89 13.50 -3.40 11.37
CA THR B 89 14.40 -3.98 12.37
C THR B 89 13.84 -3.90 13.79
N GLY B 90 14.60 -3.34 14.72
CA GLY B 90 14.13 -3.25 16.10
C GLY B 90 13.06 -2.22 16.34
N ARG B 91 12.04 -2.59 17.11
CA ARG B 91 10.95 -1.65 17.40
C ARG B 91 11.28 -0.74 18.59
N PHE B 92 10.66 0.44 18.61
CA PHE B 92 10.89 1.39 19.69
C PHE B 92 9.61 2.04 20.18
N ARG B 93 9.71 2.79 21.27
CA ARG B 93 8.55 3.45 21.83
C ARG B 93 8.88 4.93 21.97
N LEU B 94 9.04 5.62 20.85
CA LEU B 94 9.36 7.04 20.83
C LEU B 94 8.48 7.88 21.74
N HIS B 95 9.09 8.81 22.49
CA HIS B 95 8.34 9.68 23.40
C HIS B 95 8.39 11.16 22.97
N ALA B 96 9.21 11.96 23.65
CA ALA B 96 9.33 13.38 23.34
C ALA B 96 10.27 13.59 22.15
N CYS B 97 9.69 13.94 21.01
CA CYS B 97 10.48 14.17 19.82
C CYS B 97 10.37 15.64 19.38
N THR B 98 11.34 16.10 18.61
CA THR B 98 11.33 17.48 18.14
C THR B 98 11.50 17.58 16.62
N GLN B 99 11.13 18.73 16.06
CA GLN B 99 11.24 18.93 14.63
C GLN B 99 12.36 19.91 14.33
N GLY B 100 13.46 19.39 13.79
CA GLY B 100 14.60 20.24 13.48
C GLY B 100 14.53 21.03 12.19
N LYS B 101 15.68 21.10 11.52
CA LYS B 101 15.84 21.82 10.26
C LYS B 101 15.24 21.08 9.06
N TYR B 102 14.71 21.83 8.10
CA TYR B 102 14.08 21.28 6.89
C TYR B 102 12.83 20.50 7.27
N GLY B 103 12.48 20.55 8.55
CA GLY B 103 11.31 19.85 9.03
C GLY B 103 11.58 18.39 9.37
N LEU B 104 12.83 18.04 9.61
CA LEU B 104 13.21 16.67 9.94
C LEU B 104 12.85 16.27 11.38
N TRP B 105 11.88 15.38 11.53
CA TRP B 105 11.48 14.91 12.86
C TRP B 105 12.56 14.08 13.49
N THR B 106 12.66 14.17 14.82
CA THR B 106 13.63 13.41 15.58
C THR B 106 13.11 13.28 17.02
N GLY B 107 13.46 12.19 17.70
CA GLY B 107 13.00 12.03 19.07
C GLY B 107 13.76 10.98 19.84
N GLN B 108 13.81 11.11 21.16
CA GLN B 108 14.51 10.13 21.97
C GLN B 108 13.57 8.94 22.06
N ALA B 109 14.02 7.81 21.52
CA ALA B 109 13.22 6.60 21.53
C ALA B 109 13.94 5.44 22.20
N GLU B 110 13.26 4.82 23.17
CA GLU B 110 13.80 3.68 23.90
C GLU B 110 13.38 2.41 23.20
N PRO B 111 14.36 1.62 22.72
CA PRO B 111 14.06 0.36 22.03
C PRO B 111 13.18 -0.60 22.83
N VAL B 112 12.70 -1.63 22.16
CA VAL B 112 11.84 -2.63 22.79
C VAL B 112 12.23 -4.00 22.26
N PRO B 113 13.00 -4.76 23.05
CA PRO B 113 13.47 -6.10 22.70
C PRO B 113 12.46 -6.95 21.93
N ASP B 114 12.97 -7.73 20.98
CA ASP B 114 12.13 -8.61 20.16
C ASP B 114 11.40 -9.60 21.08
N ASP B 115 10.20 -10.00 20.70
CA ASP B 115 9.44 -10.94 21.52
C ASP B 115 9.83 -12.37 21.19
N ALA B 116 9.75 -13.26 22.18
CA ALA B 116 10.09 -14.66 21.98
C ALA B 116 9.13 -15.28 20.97
N PRO B 117 9.67 -16.08 20.02
CA PRO B 117 8.84 -16.73 19.01
C PRO B 117 7.81 -17.69 19.60
N LEU B 118 6.57 -17.58 19.15
CA LEU B 118 5.50 -18.44 19.65
C LEU B 118 4.88 -19.28 18.54
N GLU B 119 4.21 -20.37 18.93
CA GLU B 119 3.56 -21.23 17.95
C GLU B 119 2.11 -20.82 17.79
N VAL B 120 1.59 -20.91 16.57
CA VAL B 120 0.21 -20.53 16.30
C VAL B 120 -0.78 -21.60 16.77
N PRO B 121 -1.60 -21.27 17.78
CA PRO B 121 -2.58 -22.23 18.28
C PRO B 121 -3.61 -22.53 17.21
N PRO B 122 -4.32 -23.68 17.33
CA PRO B 122 -5.34 -24.07 16.36
C PRO B 122 -6.59 -23.19 16.45
N GLU B 123 -6.62 -22.31 17.44
CA GLU B 123 -7.73 -21.41 17.64
C GLU B 123 -7.58 -20.17 16.75
N LEU B 124 -6.42 -20.06 16.10
CA LEU B 124 -6.11 -18.95 15.21
C LEU B 124 -5.50 -19.44 13.89
N ALA B 125 -5.76 -20.70 13.55
CA ALA B 125 -5.22 -21.27 12.32
C ALA B 125 -5.70 -20.61 11.04
N ARG B 126 -6.94 -20.10 11.04
CA ARG B 126 -7.51 -19.44 9.88
C ARG B 126 -6.58 -18.36 9.29
N SER B 127 -6.14 -17.43 10.13
CA SER B 127 -5.26 -16.38 9.67
C SER B 127 -3.96 -16.93 9.09
N ALA B 128 -3.24 -17.71 9.88
CA ALA B 128 -1.97 -18.28 9.43
C ALA B 128 -2.18 -19.07 8.14
N SER B 129 -3.32 -19.75 8.02
CA SER B 129 -3.61 -20.55 6.84
C SER B 129 -3.96 -19.64 5.65
N ALA B 130 -4.62 -18.53 5.95
CA ALA B 130 -5.00 -17.55 4.95
C ALA B 130 -3.73 -16.93 4.38
N LEU B 131 -2.93 -16.39 5.29
CA LEU B 131 -1.68 -15.76 4.93
C LEU B 131 -0.87 -16.73 4.07
N GLY B 132 -0.74 -17.96 4.56
CA GLY B 132 0.01 -18.96 3.82
C GLY B 132 -0.49 -19.12 2.41
N ARG B 133 -1.80 -18.94 2.23
CA ARG B 133 -2.44 -19.08 0.93
C ARG B 133 -1.98 -17.93 0.01
N LEU B 134 -1.89 -16.73 0.59
CA LEU B 134 -1.47 -15.54 -0.12
C LEU B 134 -0.06 -15.69 -0.68
N ILE B 135 0.86 -16.04 0.20
CA ILE B 135 2.26 -16.23 -0.18
C ILE B 135 2.38 -17.31 -1.26
N ALA B 136 1.59 -18.36 -1.14
CA ALA B 136 1.62 -19.45 -2.11
C ALA B 136 1.36 -18.94 -3.53
N ARG B 137 0.34 -18.10 -3.68
CA ARG B 137 0.01 -17.58 -4.99
C ARG B 137 1.14 -16.70 -5.53
N LEU B 138 1.69 -15.84 -4.69
CA LEU B 138 2.78 -14.98 -5.11
C LEU B 138 3.85 -15.85 -5.77
N GLN B 139 4.26 -16.89 -5.05
CA GLN B 139 5.27 -17.82 -5.53
C GLN B 139 4.80 -18.60 -6.74
N ARG B 140 3.59 -19.11 -6.67
CA ARG B 140 3.01 -19.87 -7.77
C ARG B 140 2.97 -19.00 -9.04
N GLU B 141 2.73 -17.71 -8.88
CA GLU B 141 2.65 -16.81 -10.04
C GLU B 141 4.02 -16.32 -10.52
N GLY B 142 5.03 -16.47 -9.67
CA GLY B 142 6.36 -16.05 -10.04
C GLY B 142 6.55 -14.57 -9.85
N VAL B 143 6.23 -14.10 -8.66
CA VAL B 143 6.37 -12.68 -8.37
C VAL B 143 7.82 -12.40 -8.00
N PRO B 144 8.51 -11.59 -8.81
CA PRO B 144 9.91 -11.22 -8.59
C PRO B 144 10.12 -10.62 -7.20
N PRO B 145 11.35 -10.67 -6.69
CA PRO B 145 11.73 -10.14 -5.38
C PRO B 145 11.39 -8.67 -5.16
N HIS B 146 11.57 -7.85 -6.20
CA HIS B 146 11.29 -6.43 -6.10
C HIS B 146 9.79 -6.09 -6.04
N ILE B 147 8.94 -7.10 -5.95
CA ILE B 147 7.50 -6.86 -5.86
C ILE B 147 6.92 -7.56 -4.63
N MSE B 148 7.61 -8.61 -4.18
CA MSE B 148 7.19 -9.36 -3.01
C MSE B 148 7.03 -8.40 -1.84
O MSE B 148 7.99 -7.73 -1.44
CB MSE B 148 8.23 -10.43 -2.64
CG MSE B 148 8.28 -11.64 -3.57
SE MSE B 148 6.78 -12.84 -3.33
CE MSE B 148 7.37 -13.78 -1.75
N PRO B 149 5.82 -8.31 -1.27
CA PRO B 149 5.55 -7.43 -0.14
C PRO B 149 6.10 -7.97 1.19
N MSE B 150 6.63 -9.19 1.15
CA MSE B 150 7.17 -9.83 2.35
C MSE B 150 8.48 -10.58 2.12
O MSE B 150 8.69 -11.19 1.08
CB MSE B 150 6.13 -10.78 2.93
CG MSE B 150 5.32 -11.49 1.88
SE MSE B 150 3.69 -12.10 2.66
CE MSE B 150 2.66 -10.47 2.51
N ALA B 151 9.35 -10.53 3.14
CA ALA B 151 10.66 -11.17 3.10
C ALA B 151 10.63 -12.69 3.00
N ALA B 152 11.79 -13.26 2.66
CA ALA B 152 11.93 -14.70 2.49
C ALA B 152 11.56 -15.54 3.72
N PRO B 153 12.15 -15.25 4.90
CA PRO B 153 11.84 -16.01 6.11
C PRO B 153 10.32 -16.10 6.39
N PHE B 154 9.66 -17.12 5.84
CA PHE B 154 8.22 -17.29 6.01
C PHE B 154 7.83 -17.94 7.34
N ARG B 155 7.89 -17.15 8.40
CA ARG B 155 7.57 -17.65 9.72
C ARG B 155 6.08 -17.84 9.94
N LEU B 156 5.43 -18.51 8.99
CA LEU B 156 3.99 -18.79 9.04
C LEU B 156 3.55 -19.41 10.39
N ASP B 157 4.41 -20.21 11.02
CA ASP B 157 4.05 -20.83 12.29
C ASP B 157 4.58 -19.99 13.46
N ASP B 158 4.20 -18.72 13.47
CA ASP B 158 4.61 -17.78 14.52
C ASP B 158 3.53 -16.72 14.75
N CYS B 159 3.06 -16.60 15.99
CA CYS B 159 2.03 -15.62 16.30
C CYS B 159 2.38 -14.19 15.86
N GLY B 160 3.41 -13.63 16.49
CA GLY B 160 3.82 -12.27 16.17
C GLY B 160 4.00 -12.00 14.70
N TRP B 161 4.88 -12.78 14.08
CA TRP B 161 5.19 -12.64 12.65
C TRP B 161 3.96 -12.56 11.78
N VAL B 162 3.09 -13.57 11.92
CA VAL B 162 1.87 -13.65 11.17
C VAL B 162 1.01 -12.40 11.37
N ALA B 163 0.90 -11.94 12.61
CA ALA B 163 0.09 -10.74 12.88
C ALA B 163 0.71 -9.50 12.29
N ASP B 164 2.04 -9.41 12.31
CA ASP B 164 2.74 -8.27 11.76
C ASP B 164 2.45 -8.20 10.26
N ARG B 165 2.43 -9.35 9.60
CA ARG B 165 2.19 -9.38 8.17
C ARG B 165 0.79 -8.83 7.82
N TRP B 166 -0.22 -9.32 8.54
CA TRP B 166 -1.58 -8.87 8.34
C TRP B 166 -1.79 -7.41 8.71
N ALA B 167 -1.25 -6.99 9.84
CA ALA B 167 -1.44 -5.61 10.25
C ALA B 167 -0.83 -4.68 9.22
N GLU B 168 0.18 -5.17 8.50
CA GLU B 168 0.87 -4.40 7.49
C GLU B 168 0.03 -4.10 6.27
N MSE B 169 -0.72 -5.10 5.85
CA MSE B 169 -1.52 -4.95 4.65
C MSE B 169 -2.98 -4.61 4.90
O MSE B 169 -3.71 -4.36 3.95
CB MSE B 169 -1.40 -6.21 3.77
CG MSE B 169 -1.95 -7.49 4.36
SE MSE B 169 -2.48 -8.79 2.97
CE MSE B 169 -0.80 -9.73 2.74
N LEU B 170 -3.39 -4.59 6.16
CA LEU B 170 -4.79 -4.27 6.44
C LEU B 170 -5.02 -2.78 6.65
N SER B 171 -6.06 -2.26 6.02
CA SER B 171 -6.38 -0.85 6.15
C SER B 171 -6.88 -0.58 7.56
N LEU B 172 -5.93 -0.36 8.46
CA LEU B 172 -6.31 -0.07 9.83
C LEU B 172 -5.87 1.33 10.20
N PRO B 173 -6.58 1.95 11.15
CA PRO B 173 -6.24 3.30 11.58
C PRO B 173 -4.80 3.29 12.12
N PRO B 174 -4.01 4.32 11.78
CA PRO B 174 -2.62 4.35 12.25
C PRO B 174 -2.47 4.17 13.75
N ALA B 175 -3.33 4.82 14.52
CA ALA B 175 -3.26 4.73 15.97
C ALA B 175 -3.34 3.28 16.45
N ASP B 176 -4.02 2.45 15.68
CA ASP B 176 -4.19 1.03 16.00
C ASP B 176 -2.97 0.23 15.61
N LYS B 177 -2.40 0.60 14.48
CA LYS B 177 -1.24 -0.12 13.97
C LYS B 177 -0.09 0.01 14.96
N ALA B 178 0.05 1.19 15.56
CA ALA B 178 1.12 1.46 16.50
C ALA B 178 0.95 0.64 17.77
N ARG B 179 -0.29 0.46 18.18
CA ARG B 179 -0.62 -0.30 19.37
C ARG B 179 -0.33 -1.77 19.11
N LEU B 180 -0.77 -2.26 17.96
CA LEU B 180 -0.54 -3.66 17.60
C LEU B 180 0.93 -4.00 17.65
N LEU B 181 1.76 -3.08 17.16
CA LEU B 181 3.20 -3.29 17.13
C LEU B 181 3.77 -3.57 18.52
N LEU B 182 3.22 -2.88 19.52
CA LEU B 182 3.67 -3.00 20.91
C LEU B 182 3.02 -4.17 21.66
N LEU B 183 1.74 -4.39 21.45
CA LEU B 183 1.03 -5.48 22.11
C LEU B 183 1.82 -6.78 21.95
N PRO B 184 1.70 -7.70 22.91
CA PRO B 184 2.40 -8.99 22.86
C PRO B 184 1.99 -9.77 21.62
N PRO B 185 2.85 -10.69 21.15
CA PRO B 185 2.54 -11.48 19.96
C PRO B 185 1.16 -12.11 19.94
N LEU B 186 0.87 -12.94 20.93
CA LEU B 186 -0.43 -13.62 20.99
C LEU B 186 -1.58 -12.63 20.85
N ASP B 187 -1.69 -11.71 21.80
CA ASP B 187 -2.74 -10.71 21.77
C ASP B 187 -2.87 -10.04 20.42
N ARG B 188 -1.74 -9.85 19.75
CA ARG B 188 -1.72 -9.21 18.44
C ARG B 188 -2.43 -10.05 17.40
N LEU B 189 -2.12 -11.33 17.37
CA LEU B 189 -2.74 -12.24 16.42
C LEU B 189 -4.23 -12.36 16.72
N ARG B 190 -4.58 -12.42 18.00
CA ARG B 190 -5.97 -12.55 18.37
C ARG B 190 -6.81 -11.44 17.78
N GLU B 191 -6.39 -10.21 18.05
CA GLU B 191 -7.11 -9.03 17.57
C GLU B 191 -7.25 -8.95 16.05
N ILE B 192 -6.19 -9.23 15.29
CA ILE B 192 -6.33 -9.18 13.84
C ILE B 192 -7.25 -10.33 13.43
N ASP B 193 -7.23 -11.39 14.23
CA ASP B 193 -8.05 -12.55 13.95
C ASP B 193 -9.52 -12.12 14.09
N ALA B 194 -9.78 -11.29 15.10
CA ALA B 194 -11.13 -10.80 15.35
C ALA B 194 -11.56 -9.78 14.29
N VAL B 195 -10.67 -9.49 13.34
CA VAL B 195 -10.96 -8.52 12.30
C VAL B 195 -11.25 -9.22 10.97
N LEU B 196 -10.51 -10.30 10.73
CA LEU B 196 -10.63 -11.08 9.51
C LEU B 196 -11.87 -11.98 9.54
N ALA B 197 -12.20 -12.47 10.72
CA ALA B 197 -13.36 -13.33 10.86
C ALA B 197 -14.55 -12.50 11.32
N ALA B 198 -15.75 -12.91 10.95
CA ALA B 198 -16.97 -12.21 11.35
C ALA B 198 -17.16 -12.34 12.86
N ASP B 199 -16.64 -11.40 13.64
CA ASP B 199 -16.79 -11.48 15.09
C ASP B 199 -18.24 -11.23 15.49
N GLY B 200 -18.82 -10.14 14.96
CA GLY B 200 -20.20 -9.81 15.25
C GLY B 200 -21.09 -9.85 14.02
N HIS B 201 -20.96 -10.91 13.22
CA HIS B 201 -21.73 -11.10 11.99
C HIS B 201 -21.48 -10.03 10.92
#